data_1IXK
#
_entry.id   1IXK
#
_cell.length_a   63.554
_cell.length_b   41.513
_cell.length_c   71.065
_cell.angle_alpha   90.00
_cell.angle_beta   114.18
_cell.angle_gamma   90.00
#
_symmetry.space_group_name_H-M   'P 1 21 1'
#
loop_
_entity.id
_entity.type
_entity.pdbx_description
1 polymer Methyltransferase
2 water water
#
_entity_poly.entity_id   1
_entity_poly.type   'polypeptide(L)'
_entity_poly.pdbx_seq_one_letter_code
;MKLSPS(MSE)LDKLLRLGYSKLFADRYFQLWGERAIRIAEA(MSE)EKPLPRCFRVNTLKISVQDLVKRLNKKGFQFKR
VPWAKEGFCLTREPFSITSTPEFLTGLIYIQEASS(MSE)YPPVALDPKPGEIVAD(MSE)AAAPGGKTSYLAQL(MSE)
RNDGVIYAFDVDENRLRETRLNLSRLGVLNVILFHSSSLHIGELNVEFDKILLDAPCTGSGTIHKNPERKWNRT(MSE)D
DIKFCQGLQ(MSE)RLLEKGLEVLKPGGILVYSTCSLEPEENEFVIQWALDNFDVELLPLKYGEPALTNPFGIELSEEIK
NARRLYPDVHETSGFFIAKIRKL
;
_entity_poly.pdbx_strand_id   A
#
# COMPACT_ATOMS: atom_id res chain seq x y z
N LEU A 3 21.51 -1.98 -23.31
CA LEU A 3 20.85 -0.66 -23.22
C LEU A 3 21.48 0.28 -24.26
N SER A 4 20.67 0.73 -25.22
CA SER A 4 21.17 1.63 -26.26
C SER A 4 21.53 2.99 -25.71
N PRO A 5 22.39 3.74 -26.44
CA PRO A 5 22.79 5.07 -25.98
C PRO A 5 21.58 5.98 -25.86
N SER A 6 20.59 5.76 -26.73
CA SER A 6 19.38 6.56 -26.74
C SER A 6 18.59 6.41 -25.44
N LEU A 8 19.45 5.06 -22.71
CA LEU A 8 20.31 5.41 -21.59
C LEU A 8 20.22 6.92 -21.36
N ASP A 9 20.48 7.69 -22.40
CA ASP A 9 20.43 9.14 -22.31
C ASP A 9 19.07 9.63 -21.80
N LYS A 10 17.99 9.02 -22.29
CA LYS A 10 16.66 9.40 -21.84
C LYS A 10 16.51 9.18 -20.34
N LEU A 11 16.98 8.03 -19.87
CA LEU A 11 16.90 7.72 -18.45
C LEU A 11 17.78 8.67 -17.65
N LEU A 12 18.95 9.01 -18.18
CA LEU A 12 19.85 9.92 -17.50
C LEU A 12 19.23 11.31 -17.39
N ARG A 13 18.51 11.73 -18.42
CA ARG A 13 17.86 13.03 -18.41
C ARG A 13 16.74 13.09 -17.39
N LEU A 14 16.04 11.97 -17.19
CA LEU A 14 14.94 11.93 -16.23
C LEU A 14 15.48 12.05 -14.81
N GLY A 15 16.80 11.93 -14.66
CA GLY A 15 17.41 12.06 -13.35
C GLY A 15 18.00 10.78 -12.77
N TYR A 16 17.98 9.71 -13.56
CA TYR A 16 18.51 8.43 -13.09
C TYR A 16 20.02 8.33 -13.24
N SER A 17 20.66 7.62 -12.31
CA SER A 17 22.10 7.42 -12.38
C SER A 17 22.27 6.28 -13.37
N LYS A 18 23.47 6.11 -13.91
CA LYS A 18 23.69 5.03 -14.87
C LYS A 18 23.43 3.68 -14.20
N LEU A 19 23.71 3.58 -12.91
CA LEU A 19 23.50 2.35 -12.17
C LEU A 19 22.03 1.95 -12.18
N PHE A 20 21.16 2.87 -11.78
CA PHE A 20 19.73 2.59 -11.75
C PHE A 20 19.18 2.37 -13.15
N ALA A 21 19.71 3.09 -14.12
CA ALA A 21 19.26 2.92 -15.50
C ALA A 21 19.60 1.51 -15.96
N ASP A 22 20.81 1.04 -15.65
CA ASP A 22 21.22 -0.29 -16.04
C ASP A 22 20.39 -1.34 -15.29
N ARG A 23 20.10 -1.08 -14.01
CA ARG A 23 19.29 -2.00 -13.22
C ARG A 23 17.89 -2.13 -13.80
N TYR A 24 17.24 -1.01 -14.09
CA TYR A 24 15.89 -1.07 -14.63
C TYR A 24 15.84 -1.76 -15.98
N PHE A 25 16.84 -1.54 -16.82
CA PHE A 25 16.87 -2.20 -18.13
C PHE A 25 17.08 -3.70 -17.96
N GLN A 26 17.86 -4.10 -16.96
CA GLN A 26 18.10 -5.52 -16.71
C GLN A 26 16.84 -6.20 -16.18
N LEU A 27 15.99 -5.44 -15.51
CA LEU A 27 14.76 -5.99 -14.94
C LEU A 27 13.60 -6.00 -15.92
N TRP A 28 13.48 -4.95 -16.74
CA TRP A 28 12.36 -4.86 -17.66
C TRP A 28 12.70 -4.62 -19.12
N GLY A 29 13.98 -4.56 -19.46
CA GLY A 29 14.36 -4.33 -20.85
C GLY A 29 13.84 -3.00 -21.37
N GLU A 30 13.42 -2.97 -22.63
CA GLU A 30 12.91 -1.73 -23.23
C GLU A 30 11.72 -1.12 -22.49
N ARG A 31 10.98 -1.94 -21.75
CA ARG A 31 9.83 -1.43 -21.00
C ARG A 31 10.31 -0.46 -19.92
N ALA A 32 11.59 -0.57 -19.57
CA ALA A 32 12.17 0.30 -18.55
C ALA A 32 11.86 1.77 -18.82
N ILE A 33 12.05 2.20 -20.06
CA ILE A 33 11.79 3.59 -20.42
C ILE A 33 10.32 3.94 -20.27
N ARG A 34 9.43 3.03 -20.65
CA ARG A 34 8.00 3.27 -20.56
C ARG A 34 7.53 3.41 -19.11
N ILE A 35 8.15 2.66 -18.21
CA ILE A 35 7.80 2.73 -16.80
C ILE A 35 8.31 4.05 -16.21
N ALA A 36 9.56 4.38 -16.52
CA ALA A 36 10.17 5.61 -16.01
C ALA A 36 9.41 6.86 -16.45
N GLU A 37 9.07 6.93 -17.73
CA GLU A 37 8.34 8.09 -18.24
C GLU A 37 6.91 8.15 -17.71
N ALA A 38 6.24 7.01 -17.65
CA ALA A 38 4.87 7.00 -17.15
C ALA A 38 4.83 7.48 -15.71
N GLU A 40 6.55 9.91 -14.41
CA GLU A 40 6.73 11.36 -14.28
C GLU A 40 5.39 12.09 -14.32
N LYS A 41 4.35 11.40 -14.79
CA LYS A 41 3.01 11.98 -14.91
C LYS A 41 2.20 11.95 -13.61
N PRO A 42 1.36 12.97 -13.38
CA PRO A 42 0.54 13.04 -12.18
C PRO A 42 -0.53 11.95 -12.18
N LEU A 43 -0.90 11.48 -11.01
CA LEU A 43 -1.93 10.44 -10.90
C LEU A 43 -3.29 11.09 -10.80
N PRO A 44 -4.35 10.37 -11.18
CA PRO A 44 -5.71 10.92 -11.11
C PRO A 44 -6.05 11.04 -9.63
N ARG A 45 -7.07 11.81 -9.30
CA ARG A 45 -7.49 11.95 -7.91
C ARG A 45 -8.52 10.85 -7.66
N CYS A 46 -8.29 10.01 -6.66
CA CYS A 46 -9.22 8.92 -6.36
C CYS A 46 -9.78 9.03 -4.96
N PHE A 47 -10.92 8.39 -4.73
CA PHE A 47 -11.53 8.43 -3.41
C PHE A 47 -12.11 7.08 -3.03
N ARG A 48 -12.31 6.89 -1.73
CA ARG A 48 -12.85 5.67 -1.18
C ARG A 48 -14.14 6.01 -0.44
N VAL A 49 -15.20 5.26 -0.71
CA VAL A 49 -16.47 5.50 -0.03
C VAL A 49 -16.36 4.98 1.40
N ASN A 50 -16.74 5.80 2.38
CA ASN A 50 -16.69 5.38 3.76
C ASN A 50 -18.01 4.68 4.07
N THR A 51 -17.99 3.35 3.96
CA THR A 51 -19.19 2.55 4.19
C THR A 51 -19.64 2.53 5.64
N LEU A 52 -18.87 3.19 6.52
CA LEU A 52 -19.26 3.26 7.92
C LEU A 52 -20.38 4.29 8.01
N LYS A 53 -20.45 5.17 7.00
CA LYS A 53 -21.46 6.22 6.97
C LYS A 53 -22.43 6.20 5.80
N ILE A 54 -22.09 5.49 4.72
CA ILE A 54 -22.97 5.45 3.56
C ILE A 54 -22.59 4.33 2.59
N SER A 55 -23.59 3.76 1.91
CA SER A 55 -23.35 2.70 0.97
C SER A 55 -22.67 3.25 -0.27
N VAL A 56 -22.00 2.37 -1.02
CA VAL A 56 -21.32 2.77 -2.24
C VAL A 56 -22.35 3.24 -3.27
N GLN A 57 -23.44 2.49 -3.36
CA GLN A 57 -24.51 2.80 -4.30
C GLN A 57 -25.08 4.20 -4.08
N ASP A 58 -25.35 4.55 -2.82
CA ASP A 58 -25.88 5.86 -2.50
C ASP A 58 -24.91 7.01 -2.72
N LEU A 59 -23.65 6.81 -2.31
CA LEU A 59 -22.64 7.85 -2.46
C LEU A 59 -22.42 8.16 -3.94
N VAL A 60 -22.35 7.11 -4.76
CA VAL A 60 -22.15 7.29 -6.20
C VAL A 60 -23.26 8.11 -6.84
N LYS A 61 -24.51 7.83 -6.45
CA LYS A 61 -25.64 8.57 -7.01
C LYS A 61 -25.54 10.04 -6.62
N ARG A 62 -25.16 10.30 -5.38
CA ARG A 62 -25.04 11.67 -4.89
C ARG A 62 -23.98 12.48 -5.65
N LEU A 63 -22.81 11.87 -5.85
CA LEU A 63 -21.72 12.55 -6.55
C LEU A 63 -22.02 12.74 -8.04
N ASN A 64 -22.58 11.72 -8.68
CA ASN A 64 -22.92 11.79 -10.09
C ASN A 64 -23.91 12.94 -10.31
N LYS A 65 -24.85 13.07 -9.39
CA LYS A 65 -25.87 14.12 -9.49
C LYS A 65 -25.23 15.51 -9.47
N LYS A 66 -24.07 15.63 -8.82
CA LYS A 66 -23.38 16.92 -8.73
C LYS A 66 -22.44 17.20 -9.91
N GLY A 67 -22.32 16.24 -10.83
CA GLY A 67 -21.46 16.45 -11.97
C GLY A 67 -20.17 15.66 -11.99
N PHE A 68 -19.87 14.95 -10.91
CA PHE A 68 -18.65 14.16 -10.86
C PHE A 68 -18.82 12.84 -11.61
N GLN A 69 -17.76 12.39 -12.27
CA GLN A 69 -17.77 11.12 -12.98
C GLN A 69 -16.49 10.40 -12.55
N PHE A 70 -16.56 9.07 -12.48
CA PHE A 70 -15.40 8.32 -12.03
C PHE A 70 -15.46 6.86 -12.45
N LYS A 71 -14.30 6.19 -12.39
CA LYS A 71 -14.19 4.77 -12.75
C LYS A 71 -13.80 3.98 -11.52
N ARG A 72 -14.19 2.71 -11.47
CA ARG A 72 -13.87 1.88 -10.33
C ARG A 72 -12.39 1.51 -10.26
N VAL A 73 -11.89 1.34 -9.04
CA VAL A 73 -10.52 0.90 -8.86
C VAL A 73 -10.76 -0.61 -8.82
N PRO A 74 -10.16 -1.35 -9.75
CA PRO A 74 -10.30 -2.80 -9.87
C PRO A 74 -10.21 -3.62 -8.57
N TRP A 75 -9.22 -3.32 -7.75
CA TRP A 75 -8.98 -4.05 -6.52
C TRP A 75 -9.69 -3.59 -5.25
N ALA A 76 -10.59 -2.62 -5.36
CA ALA A 76 -11.32 -2.12 -4.19
C ALA A 76 -12.72 -1.69 -4.59
N LYS A 77 -13.72 -2.42 -4.11
CA LYS A 77 -15.11 -2.11 -4.44
C LYS A 77 -15.56 -0.71 -4.03
N GLU A 78 -14.95 -0.18 -2.97
CA GLU A 78 -15.29 1.15 -2.46
C GLU A 78 -14.47 2.27 -3.10
N GLY A 79 -13.52 1.93 -3.96
CA GLY A 79 -12.66 2.94 -4.57
C GLY A 79 -12.99 3.35 -5.99
N PHE A 80 -12.83 4.64 -6.27
CA PHE A 80 -13.11 5.19 -7.59
C PHE A 80 -12.10 6.29 -7.90
N CYS A 81 -11.78 6.47 -9.18
CA CYS A 81 -10.86 7.52 -9.59
C CYS A 81 -11.61 8.47 -10.51
N LEU A 82 -11.50 9.76 -10.23
CA LEU A 82 -12.19 10.80 -10.98
C LEU A 82 -11.80 10.96 -12.45
N THR A 83 -12.80 11.13 -13.30
CA THR A 83 -12.62 11.34 -14.72
C THR A 83 -13.22 12.70 -15.06
N ARG A 84 -14.10 13.18 -14.18
CA ARG A 84 -14.72 14.50 -14.33
C ARG A 84 -14.90 15.08 -12.94
N GLU A 85 -14.15 16.13 -12.65
CA GLU A 85 -14.24 16.78 -11.37
C GLU A 85 -14.65 18.21 -11.62
N PRO A 86 -15.97 18.45 -11.80
CA PRO A 86 -16.39 19.82 -12.03
C PRO A 86 -15.63 20.74 -11.11
N PHE A 87 -15.93 20.67 -9.81
CA PHE A 87 -15.23 21.50 -8.83
C PHE A 87 -14.49 20.56 -7.89
N SER A 88 -13.63 21.11 -7.03
CA SER A 88 -12.85 20.30 -6.08
C SER A 88 -13.69 19.32 -5.29
N ILE A 89 -13.31 18.05 -5.35
CA ILE A 89 -14.02 17.00 -4.65
C ILE A 89 -13.93 17.20 -3.13
N THR A 90 -12.87 17.87 -2.69
CA THR A 90 -12.69 18.12 -1.27
C THR A 90 -13.54 19.28 -0.77
N SER A 91 -14.27 19.92 -1.67
CA SER A 91 -15.13 21.04 -1.29
C SER A 91 -16.58 20.57 -1.16
N THR A 92 -16.80 19.29 -1.43
CA THR A 92 -18.14 18.70 -1.36
C THR A 92 -18.53 18.34 0.07
N PRO A 93 -19.84 18.33 0.36
CA PRO A 93 -20.32 18.00 1.70
C PRO A 93 -19.95 16.54 1.98
N GLU A 94 -19.92 15.73 0.92
CA GLU A 94 -19.57 14.31 1.03
C GLU A 94 -18.21 14.17 1.71
N PHE A 95 -17.23 14.93 1.23
CA PHE A 95 -15.90 14.87 1.79
C PHE A 95 -15.81 15.51 3.17
N LEU A 96 -16.45 16.66 3.33
CA LEU A 96 -16.43 17.38 4.60
C LEU A 96 -17.16 16.67 5.74
N THR A 97 -18.11 15.80 5.41
CA THR A 97 -18.84 15.09 6.45
C THR A 97 -18.37 13.64 6.61
N GLY A 98 -17.22 13.33 6.02
CA GLY A 98 -16.65 11.99 6.12
C GLY A 98 -17.31 10.87 5.35
N LEU A 99 -17.96 11.17 4.23
CA LEU A 99 -18.61 10.14 3.42
C LEU A 99 -17.63 9.50 2.45
N ILE A 100 -16.53 10.20 2.18
CA ILE A 100 -15.49 9.69 1.28
C ILE A 100 -14.13 10.11 1.83
N TYR A 101 -13.09 9.37 1.44
CA TYR A 101 -11.73 9.66 1.87
C TYR A 101 -10.85 9.66 0.64
N ILE A 102 -10.01 10.68 0.50
CA ILE A 102 -9.12 10.79 -0.64
C ILE A 102 -7.77 10.11 -0.42
N GLN A 103 -7.42 9.20 -1.31
CA GLN A 103 -6.14 8.49 -1.23
C GLN A 103 -5.85 7.85 -2.58
N GLU A 104 -4.60 7.51 -2.81
CA GLU A 104 -4.19 6.91 -4.07
C GLU A 104 -4.82 5.53 -4.24
N ALA A 105 -5.07 5.16 -5.49
CA ALA A 105 -5.68 3.87 -5.79
C ALA A 105 -4.85 2.73 -5.21
N SER A 106 -3.54 2.78 -5.43
CA SER A 106 -2.67 1.72 -4.92
C SER A 106 -2.76 1.54 -3.42
N SER A 107 -2.93 2.64 -2.68
CA SER A 107 -3.00 2.56 -1.22
C SER A 107 -4.26 1.84 -0.74
N TYR A 109 -5.30 -1.07 -2.07
CA TYR A 109 -5.07 -2.50 -2.20
C TYR A 109 -4.71 -3.25 -0.91
N PRO A 110 -3.70 -2.79 -0.15
CA PRO A 110 -3.30 -3.47 1.09
C PRO A 110 -4.41 -3.80 2.08
N PRO A 111 -5.22 -2.79 2.47
CA PRO A 111 -6.29 -3.09 3.43
C PRO A 111 -7.27 -4.14 2.91
N VAL A 112 -7.66 -3.99 1.65
CA VAL A 112 -8.61 -4.91 1.04
C VAL A 112 -8.02 -6.32 0.97
N ALA A 113 -6.75 -6.41 0.57
CA ALA A 113 -6.09 -7.72 0.48
C ALA A 113 -6.02 -8.37 1.86
N LEU A 114 -5.76 -7.58 2.91
CA LEU A 114 -5.66 -8.13 4.26
C LEU A 114 -7.02 -8.69 4.68
N ASP A 115 -8.08 -8.04 4.19
CA ASP A 115 -9.45 -8.48 4.45
C ASP A 115 -9.77 -8.70 5.93
N PRO A 116 -9.56 -7.68 6.77
CA PRO A 116 -9.85 -7.80 8.21
C PRO A 116 -11.34 -8.05 8.40
N LYS A 117 -11.70 -8.88 9.39
CA LYS A 117 -13.11 -9.17 9.64
C LYS A 117 -13.59 -8.55 10.95
N PRO A 118 -14.90 -8.25 11.04
CA PRO A 118 -15.39 -7.66 12.29
C PRO A 118 -15.01 -8.53 13.48
N GLY A 119 -14.50 -7.91 14.53
CA GLY A 119 -14.12 -8.65 15.73
C GLY A 119 -12.66 -9.08 15.83
N GLU A 120 -11.91 -8.98 14.74
CA GLU A 120 -10.52 -9.40 14.78
C GLU A 120 -9.59 -8.38 15.45
N ILE A 121 -8.43 -8.87 15.89
CA ILE A 121 -7.41 -8.04 16.53
C ILE A 121 -6.40 -7.76 15.43
N VAL A 122 -6.34 -6.50 15.01
CA VAL A 122 -5.49 -6.08 13.90
C VAL A 122 -4.50 -4.99 14.25
N ALA A 123 -3.38 -4.96 13.53
CA ALA A 123 -2.37 -3.93 13.72
C ALA A 123 -1.94 -3.32 12.38
N ASP A 124 -1.79 -2.00 12.36
CA ASP A 124 -1.31 -1.31 11.17
C ASP A 124 0.09 -0.88 11.61
N ALA A 126 2.23 0.83 9.94
CA ALA A 126 2.68 1.99 9.18
C ALA A 126 3.39 3.01 10.06
N ALA A 127 4.33 3.75 9.45
CA ALA A 127 5.06 4.78 10.16
C ALA A 127 4.13 5.98 10.32
N ALA A 128 3.28 6.18 9.33
CA ALA A 128 2.32 7.27 9.33
C ALA A 128 0.91 6.74 9.11
N PRO A 129 0.31 6.13 10.14
CA PRO A 129 -1.04 5.57 10.04
C PRO A 129 -2.03 6.64 9.61
N GLY A 130 -3.03 6.25 8.83
CA GLY A 130 -4.02 7.21 8.37
C GLY A 130 -5.09 6.64 7.47
N GLY A 131 -4.94 6.86 6.17
CA GLY A 131 -5.90 6.38 5.20
C GLY A 131 -6.13 4.88 5.21
N LYS A 132 -5.07 4.10 5.25
CA LYS A 132 -5.22 2.65 5.26
C LYS A 132 -5.81 2.15 6.57
N THR A 133 -5.49 2.84 7.65
CA THR A 133 -6.00 2.45 8.96
C THR A 133 -7.52 2.58 9.01
N SER A 134 -8.04 3.67 8.45
CA SER A 134 -9.49 3.89 8.44
C SER A 134 -10.18 2.92 7.46
N TYR A 135 -9.44 2.47 6.45
CA TYR A 135 -10.03 1.52 5.50
C TYR A 135 -10.22 0.21 6.26
N LEU A 136 -9.21 -0.18 7.04
CA LEU A 136 -9.31 -1.41 7.84
C LEU A 136 -10.53 -1.31 8.75
N ALA A 137 -10.72 -0.13 9.34
CA ALA A 137 -11.84 0.09 10.24
C ALA A 137 -13.21 -0.13 9.59
N GLN A 138 -13.42 0.38 8.38
CA GLN A 138 -14.73 0.20 7.76
C GLN A 138 -14.91 -1.24 7.30
N LEU A 139 -13.82 -1.90 6.92
CA LEU A 139 -13.91 -3.29 6.49
C LEU A 139 -14.28 -4.15 7.70
N ARG A 141 -16.17 -3.01 10.02
CA ARG A 141 -17.45 -2.47 10.44
C ARG A 141 -17.47 -1.99 11.89
N ASN A 142 -16.42 -1.27 12.27
CA ASN A 142 -16.27 -0.72 13.61
C ASN A 142 -16.35 -1.75 14.73
N ASP A 143 -15.96 -2.98 14.43
CA ASP A 143 -15.93 -4.05 15.43
C ASP A 143 -14.49 -4.51 15.43
N GLY A 144 -14.08 -5.26 16.45
CA GLY A 144 -12.71 -5.70 16.54
C GLY A 144 -11.85 -4.56 17.03
N VAL A 145 -10.54 -4.65 16.87
CA VAL A 145 -9.63 -3.59 17.32
C VAL A 145 -8.46 -3.41 16.36
N ILE A 146 -8.04 -2.18 16.19
CA ILE A 146 -6.90 -1.88 15.33
C ILE A 146 -5.88 -1.07 16.10
N TYR A 147 -4.68 -1.61 16.24
CA TYR A 147 -3.61 -0.89 16.93
C TYR A 147 -2.75 -0.22 15.87
N ALA A 148 -2.41 1.05 16.08
CA ALA A 148 -1.57 1.79 15.14
C ALA A 148 -0.53 2.58 15.92
N PHE A 149 0.60 2.85 15.29
CA PHE A 149 1.71 3.57 15.94
C PHE A 149 2.24 4.72 15.09
N ASP A 150 2.52 5.86 15.74
CA ASP A 150 3.07 7.02 15.05
C ASP A 150 4.00 7.73 16.03
N VAL A 151 5.26 7.93 15.65
CA VAL A 151 6.22 8.60 16.53
C VAL A 151 6.02 10.12 16.53
N ASP A 152 5.22 10.61 15.58
CA ASP A 152 4.94 12.04 15.44
C ASP A 152 3.61 12.38 16.10
N GLU A 153 3.66 12.99 17.28
CA GLU A 153 2.43 13.34 17.99
C GLU A 153 1.50 14.27 17.23
N ASN A 154 2.06 15.26 16.53
CA ASN A 154 1.24 16.20 15.78
C ASN A 154 0.45 15.47 14.70
N ARG A 155 1.12 14.56 14.01
CA ARG A 155 0.49 13.79 12.95
C ARG A 155 -0.56 12.86 13.56
N LEU A 156 -0.22 12.28 14.71
CA LEU A 156 -1.13 11.37 15.39
C LEU A 156 -2.40 12.14 15.78
N ARG A 157 -2.23 13.38 16.22
CA ARG A 157 -3.37 14.21 16.60
C ARG A 157 -4.25 14.47 15.38
N GLU A 158 -3.61 14.73 14.25
CA GLU A 158 -4.32 15.01 13.00
C GLU A 158 -5.13 13.78 12.60
N THR A 159 -4.49 12.61 12.68
CA THR A 159 -5.14 11.36 12.32
C THR A 159 -6.36 11.10 13.19
N ARG A 160 -6.24 11.37 14.49
CA ARG A 160 -7.33 11.16 15.41
C ARG A 160 -8.55 12.00 15.00
N LEU A 161 -8.30 13.18 14.44
CA LEU A 161 -9.40 14.04 14.00
C LEU A 161 -10.03 13.48 12.73
N ASN A 162 -9.21 12.97 11.83
CA ASN A 162 -9.71 12.37 10.60
C ASN A 162 -10.61 11.19 10.95
N LEU A 163 -10.14 10.35 11.86
CA LEU A 163 -10.90 9.18 12.29
C LEU A 163 -12.24 9.61 12.87
N SER A 164 -12.24 10.72 13.60
CA SER A 164 -13.48 11.23 14.19
C SER A 164 -14.45 11.65 13.08
N ARG A 165 -13.94 12.35 12.09
CA ARG A 165 -14.77 12.78 10.97
C ARG A 165 -15.34 11.57 10.22
N LEU A 166 -14.57 10.49 10.17
CA LEU A 166 -15.00 9.27 9.47
C LEU A 166 -15.89 8.37 10.32
N GLY A 167 -16.01 8.68 11.60
CA GLY A 167 -16.85 7.87 12.48
C GLY A 167 -16.21 6.54 12.86
N VAL A 168 -14.88 6.50 12.84
CA VAL A 168 -14.14 5.29 13.19
C VAL A 168 -14.05 5.17 14.71
N LEU A 169 -14.49 4.04 15.26
CA LEU A 169 -14.51 3.84 16.70
C LEU A 169 -13.62 2.73 17.25
N ASN A 170 -13.00 1.96 16.37
CA ASN A 170 -12.20 0.81 16.83
C ASN A 170 -10.69 0.91 16.69
N VAL A 171 -10.15 2.12 16.55
CA VAL A 171 -8.70 2.27 16.41
C VAL A 171 -8.07 2.81 17.69
N ILE A 172 -6.91 2.27 18.04
CA ILE A 172 -6.16 2.70 19.21
C ILE A 172 -4.82 3.22 18.67
N LEU A 173 -4.51 4.47 18.97
CA LEU A 173 -3.26 5.08 18.48
C LEU A 173 -2.23 5.23 19.58
N PHE A 174 -1.03 4.68 19.33
CA PHE A 174 0.05 4.79 20.31
C PHE A 174 1.14 5.71 19.79
N HIS A 175 1.71 6.50 20.69
CA HIS A 175 2.79 7.41 20.33
C HIS A 175 4.10 6.64 20.52
N SER A 176 4.43 5.82 19.53
CA SER A 176 5.63 5.00 19.58
C SER A 176 5.83 4.41 18.18
N SER A 177 6.96 3.72 17.99
CA SER A 177 7.25 3.07 16.71
C SER A 177 6.61 1.70 16.71
N SER A 178 6.13 1.25 15.55
CA SER A 178 5.50 -0.07 15.48
C SER A 178 6.49 -1.19 15.81
N LEU A 179 7.78 -0.85 15.85
CA LEU A 179 8.80 -1.86 16.16
C LEU A 179 8.66 -2.34 17.61
N HIS A 180 7.94 -1.57 18.43
CA HIS A 180 7.72 -1.93 19.83
C HIS A 180 6.43 -2.72 20.00
N ILE A 181 5.82 -3.11 18.89
CA ILE A 181 4.56 -3.84 18.94
C ILE A 181 4.63 -5.07 19.85
N GLY A 182 5.78 -5.71 19.92
CA GLY A 182 5.93 -6.88 20.77
C GLY A 182 5.75 -6.61 22.26
N GLU A 183 5.96 -5.38 22.69
CA GLU A 183 5.82 -5.04 24.11
C GLU A 183 4.38 -5.00 24.58
N LEU A 184 3.43 -5.08 23.65
CA LEU A 184 2.02 -5.05 23.98
C LEU A 184 1.56 -6.43 24.47
N ASN A 185 2.35 -7.45 24.17
CA ASN A 185 2.01 -8.82 24.56
C ASN A 185 0.64 -9.20 24.02
N VAL A 186 0.33 -8.73 22.82
CA VAL A 186 -0.94 -9.03 22.17
C VAL A 186 -0.69 -9.92 20.95
N GLU A 187 -1.56 -10.90 20.75
CA GLU A 187 -1.47 -11.81 19.60
C GLU A 187 -2.44 -11.29 18.56
N PHE A 188 -1.96 -11.07 17.33
CA PHE A 188 -2.81 -10.52 16.27
C PHE A 188 -3.35 -11.50 15.25
N ASP A 189 -4.56 -11.22 14.76
CA ASP A 189 -5.20 -12.03 13.73
C ASP A 189 -4.68 -11.57 12.37
N LYS A 190 -4.53 -10.25 12.23
CA LYS A 190 -4.10 -9.65 10.97
C LYS A 190 -3.11 -8.50 11.18
N ILE A 191 -2.15 -8.38 10.28
CA ILE A 191 -1.17 -7.30 10.36
C ILE A 191 -0.97 -6.64 9.00
N LEU A 192 -1.01 -5.31 8.98
CA LEU A 192 -0.80 -4.56 7.75
C LEU A 192 0.59 -3.91 7.86
N LEU A 193 1.51 -4.31 6.99
CA LEU A 193 2.85 -3.74 6.99
C LEU A 193 3.00 -3.01 5.67
N ASP A 194 2.52 -1.77 5.68
CA ASP A 194 2.55 -0.91 4.51
C ASP A 194 3.60 0.18 4.67
N ALA A 195 4.53 0.24 3.72
CA ALA A 195 5.59 1.25 3.77
C ALA A 195 5.10 2.53 3.11
N PRO A 196 5.65 3.68 3.53
CA PRO A 196 5.24 4.97 2.96
C PRO A 196 5.40 4.95 1.44
N CYS A 197 4.40 5.48 0.74
CA CYS A 197 4.45 5.50 -0.72
C CYS A 197 5.37 6.62 -1.18
N THR A 198 6.67 6.43 -1.00
CA THR A 198 7.66 7.43 -1.39
C THR A 198 8.91 6.75 -1.95
N GLY A 199 8.82 5.42 -2.15
CA GLY A 199 9.94 4.68 -2.68
C GLY A 199 10.19 4.92 -4.15
N SER A 200 11.04 4.09 -4.75
CA SER A 200 11.39 4.19 -6.17
C SER A 200 10.15 4.19 -7.07
N GLY A 201 9.03 3.74 -6.51
CA GLY A 201 7.80 3.69 -7.26
C GLY A 201 7.13 5.05 -7.40
N THR A 202 7.46 5.97 -6.50
CA THR A 202 6.88 7.30 -6.53
C THR A 202 7.68 8.21 -7.48
N ILE A 203 9.01 8.19 -7.34
CA ILE A 203 9.91 8.97 -8.22
C ILE A 203 9.43 10.39 -8.57
N HIS A 204 9.28 11.24 -7.54
CA HIS A 204 8.79 12.62 -7.71
C HIS A 204 7.27 12.61 -7.72
N ARG A 213 17.27 8.21 -5.60
CA ARG A 213 17.75 7.49 -4.41
C ARG A 213 19.13 6.93 -4.67
N THR A 214 19.72 6.34 -3.63
CA THR A 214 21.04 5.74 -3.74
C THR A 214 20.95 4.28 -3.33
N ASP A 216 22.51 2.96 -1.17
CA ASP A 216 22.52 2.98 0.29
C ASP A 216 21.11 3.12 0.84
N ASP A 217 20.33 4.02 0.25
CA ASP A 217 18.96 4.24 0.71
C ASP A 217 18.15 2.96 0.55
N ILE A 218 18.44 2.19 -0.51
CA ILE A 218 17.73 0.94 -0.76
C ILE A 218 18.06 -0.07 0.34
N LYS A 219 19.32 -0.10 0.75
CA LYS A 219 19.76 -1.00 1.81
C LYS A 219 19.10 -0.65 3.13
N PHE A 220 19.06 0.64 3.45
CA PHE A 220 18.46 1.09 4.69
C PHE A 220 17.00 0.64 4.78
N CYS A 221 16.25 0.89 3.71
CA CYS A 221 14.84 0.49 3.69
C CYS A 221 14.67 -1.02 3.75
N GLN A 222 15.52 -1.75 3.03
CA GLN A 222 15.44 -3.21 3.03
C GLN A 222 15.65 -3.75 4.44
N GLY A 223 16.64 -3.19 5.14
CA GLY A 223 16.92 -3.63 6.49
C GLY A 223 15.76 -3.30 7.40
N LEU A 224 15.26 -2.08 7.30
CA LEU A 224 14.14 -1.66 8.13
C LEU A 224 12.91 -2.53 7.81
N GLN A 225 12.73 -2.84 6.53
CA GLN A 225 11.60 -3.68 6.10
C GLN A 225 11.72 -5.06 6.72
N ARG A 227 13.34 -5.88 9.43
CA ARG A 227 13.10 -5.75 10.87
C ARG A 227 11.63 -5.68 11.18
N LEU A 228 10.91 -4.85 10.42
CA LEU A 228 9.48 -4.69 10.62
C LEU A 228 8.71 -5.99 10.35
N LEU A 229 9.06 -6.65 9.25
CA LEU A 229 8.40 -7.91 8.89
C LEU A 229 8.62 -8.97 9.96
N GLU A 230 9.83 -9.05 10.50
CA GLU A 230 10.11 -10.03 11.55
C GLU A 230 9.30 -9.72 12.82
N LYS A 231 9.25 -8.46 13.22
CA LYS A 231 8.48 -8.10 14.42
C LYS A 231 6.99 -8.39 14.21
N GLY A 232 6.50 -8.13 13.00
CA GLY A 232 5.09 -8.38 12.70
C GLY A 232 4.75 -9.85 12.75
N LEU A 233 5.57 -10.68 12.11
CA LEU A 233 5.32 -12.11 12.11
C LEU A 233 5.41 -12.68 13.53
N GLU A 234 6.27 -12.08 14.34
CA GLU A 234 6.48 -12.48 15.72
C GLU A 234 5.21 -12.39 16.59
N VAL A 235 4.45 -11.32 16.42
CA VAL A 235 3.23 -11.11 17.20
C VAL A 235 1.99 -11.65 16.49
N LEU A 236 2.18 -12.24 15.32
CA LEU A 236 1.07 -12.78 14.56
C LEU A 236 0.70 -14.19 15.07
N LYS A 237 -0.60 -14.45 15.19
CA LYS A 237 -1.06 -15.74 15.65
C LYS A 237 -0.82 -16.80 14.57
N PRO A 238 -0.73 -18.08 14.95
CA PRO A 238 -0.51 -19.09 13.92
C PRO A 238 -1.77 -19.07 13.05
N GLY A 239 -1.59 -19.16 11.75
CA GLY A 239 -2.74 -19.11 10.86
C GLY A 239 -3.12 -17.67 10.55
N GLY A 240 -2.41 -16.73 11.20
CA GLY A 240 -2.68 -15.32 10.99
C GLY A 240 -2.18 -14.82 9.64
N ILE A 241 -2.66 -13.66 9.22
CA ILE A 241 -2.28 -13.09 7.93
C ILE A 241 -1.58 -11.74 8.05
N LEU A 242 -0.53 -11.56 7.26
CA LEU A 242 0.19 -10.29 7.24
C LEU A 242 0.30 -9.87 5.78
N VAL A 243 -0.05 -8.63 5.49
CA VAL A 243 0.07 -8.13 4.12
C VAL A 243 1.21 -7.14 4.13
N TYR A 244 2.16 -7.38 3.23
CA TYR A 244 3.35 -6.58 3.08
C TYR A 244 3.28 -5.80 1.78
N SER A 245 3.50 -4.50 1.85
CA SER A 245 3.45 -3.69 0.63
C SER A 245 4.41 -2.53 0.67
N THR A 246 4.85 -2.11 -0.51
CA THR A 246 5.76 -0.97 -0.63
C THR A 246 5.43 -0.23 -1.91
N CYS A 247 6.00 0.96 -2.07
CA CYS A 247 5.83 1.74 -3.28
C CYS A 247 7.19 1.87 -3.93
N SER A 248 7.91 0.76 -3.95
CA SER A 248 9.25 0.71 -4.52
C SER A 248 9.31 -0.29 -5.67
N LEU A 249 10.17 -0.02 -6.64
CA LEU A 249 10.35 -0.93 -7.78
C LEU A 249 11.52 -1.87 -7.52
N GLU A 250 12.32 -1.55 -6.50
CA GLU A 250 13.52 -2.35 -6.19
C GLU A 250 13.27 -3.74 -5.63
N PRO A 251 13.84 -4.76 -6.27
CA PRO A 251 13.65 -6.13 -5.79
C PRO A 251 14.18 -6.30 -4.35
N GLU A 252 15.22 -5.53 -4.01
CA GLU A 252 15.80 -5.62 -2.67
C GLU A 252 14.81 -5.29 -1.55
N GLU A 253 13.85 -4.40 -1.84
CA GLU A 253 12.86 -4.02 -0.84
C GLU A 253 11.58 -4.82 -1.00
N ASN A 254 11.50 -5.61 -2.07
CA ASN A 254 10.30 -6.40 -2.35
C ASN A 254 10.52 -7.91 -2.35
N GLU A 255 10.75 -8.47 -3.53
CA GLU A 255 10.96 -9.91 -3.69
C GLU A 255 12.05 -10.48 -2.78
N PHE A 256 13.16 -9.76 -2.63
CA PHE A 256 14.26 -10.22 -1.78
C PHE A 256 13.84 -10.35 -0.31
N VAL A 257 13.02 -9.41 0.15
CA VAL A 257 12.56 -9.44 1.53
C VAL A 257 11.59 -10.59 1.72
N ILE A 258 10.70 -10.78 0.72
CA ILE A 258 9.73 -11.87 0.79
C ILE A 258 10.44 -13.24 0.72
N GLN A 259 11.43 -13.37 -0.14
CA GLN A 259 12.17 -14.62 -0.24
C GLN A 259 12.84 -14.91 1.10
N TRP A 260 13.41 -13.86 1.70
CA TRP A 260 14.07 -14.00 2.98
C TRP A 260 13.07 -14.49 4.02
N ALA A 261 11.87 -13.92 4.02
CA ALA A 261 10.84 -14.33 4.97
C ALA A 261 10.45 -15.79 4.79
N LEU A 262 10.31 -16.21 3.54
CA LEU A 262 9.95 -17.59 3.24
C LEU A 262 11.05 -18.53 3.72
N ASP A 263 12.31 -18.11 3.60
CA ASP A 263 13.44 -18.93 4.03
C ASP A 263 13.67 -18.88 5.53
N ASN A 264 13.35 -17.75 6.12
CA ASN A 264 13.59 -17.53 7.54
C ASN A 264 12.45 -17.87 8.52
N PHE A 265 11.20 -17.78 8.07
CA PHE A 265 10.08 -18.07 8.98
C PHE A 265 9.17 -19.17 8.46
N ASP A 266 8.24 -19.60 9.33
CA ASP A 266 7.29 -20.64 8.97
C ASP A 266 6.05 -19.97 8.38
N VAL A 267 6.18 -19.51 7.14
CA VAL A 267 5.11 -18.82 6.44
C VAL A 267 4.96 -19.31 5.00
N GLU A 268 3.84 -18.95 4.39
CA GLU A 268 3.57 -19.31 3.00
C GLU A 268 2.83 -18.13 2.38
N LEU A 269 2.94 -17.98 1.06
CA LEU A 269 2.25 -16.88 0.40
C LEU A 269 0.89 -17.33 -0.10
N LEU A 270 -0.07 -16.41 -0.07
CA LEU A 270 -1.42 -16.70 -0.55
C LEU A 270 -1.62 -15.92 -1.85
N PRO A 271 -2.44 -16.46 -2.78
CA PRO A 271 -2.72 -15.82 -4.06
C PRO A 271 -3.41 -14.46 -3.96
N LEU A 272 -2.98 -13.53 -4.80
CA LEU A 272 -3.56 -12.19 -4.89
C LEU A 272 -3.99 -12.03 -6.34
N LYS A 273 -5.14 -11.41 -6.56
CA LYS A 273 -5.68 -11.27 -7.91
C LYS A 273 -5.17 -10.19 -8.85
N TYR A 274 -5.05 -8.96 -8.38
CA TYR A 274 -4.65 -7.87 -9.26
C TYR A 274 -3.18 -7.53 -9.39
N GLY A 275 -2.85 -6.96 -10.56
CA GLY A 275 -1.48 -6.58 -10.84
C GLY A 275 -0.78 -7.64 -11.67
N GLU A 276 0.52 -7.49 -11.83
CA GLU A 276 1.31 -8.44 -12.58
C GLU A 276 2.05 -9.32 -11.58
N PRO A 277 2.51 -10.49 -12.01
CA PRO A 277 3.24 -11.40 -11.11
C PRO A 277 4.52 -10.74 -10.63
N ALA A 278 4.90 -10.99 -9.38
CA ALA A 278 6.14 -10.43 -8.86
C ALA A 278 7.27 -11.07 -9.63
N LEU A 279 8.47 -10.50 -9.53
CA LEU A 279 9.63 -11.00 -10.26
C LEU A 279 10.26 -12.22 -9.58
N THR A 280 10.48 -13.30 -10.34
CA THR A 280 11.09 -14.51 -9.77
C THR A 280 12.51 -14.75 -10.26
N ASN A 281 13.00 -13.87 -11.15
CA ASN A 281 14.36 -13.99 -11.65
C ASN A 281 14.98 -12.60 -11.81
N PRO A 282 14.83 -11.74 -10.78
CA PRO A 282 15.41 -10.40 -10.89
C PRO A 282 16.93 -10.44 -10.95
N PHE A 283 17.50 -9.82 -11.98
CA PHE A 283 18.95 -9.78 -12.17
C PHE A 283 19.53 -11.18 -12.36
N GLY A 284 18.69 -12.13 -12.77
CA GLY A 284 19.15 -13.49 -12.97
C GLY A 284 19.21 -14.32 -11.70
N ILE A 285 18.70 -13.75 -10.61
CA ILE A 285 18.68 -14.43 -9.32
C ILE A 285 17.39 -15.21 -9.22
N GLU A 286 17.49 -16.54 -9.25
CA GLU A 286 16.31 -17.39 -9.18
C GLU A 286 15.66 -17.45 -7.80
N LEU A 287 14.42 -16.96 -7.73
CA LEU A 287 13.67 -16.95 -6.49
C LEU A 287 12.62 -18.04 -6.54
N SER A 288 11.99 -18.31 -5.40
CA SER A 288 10.96 -19.34 -5.32
C SER A 288 9.78 -19.01 -6.24
N GLU A 289 9.28 -20.01 -6.94
CA GLU A 289 8.13 -19.83 -7.83
C GLU A 289 6.97 -19.29 -7.01
N GLU A 290 6.95 -19.63 -5.72
CA GLU A 290 5.89 -19.18 -4.81
C GLU A 290 5.76 -17.65 -4.80
N ILE A 291 6.85 -16.96 -5.09
CA ILE A 291 6.86 -15.49 -5.13
C ILE A 291 5.87 -14.95 -6.17
N LYS A 292 5.51 -15.77 -7.16
CA LYS A 292 4.56 -15.29 -8.16
C LYS A 292 3.18 -15.03 -7.57
N ASN A 293 2.99 -15.41 -6.31
CA ASN A 293 1.71 -15.14 -5.62
C ASN A 293 1.69 -13.66 -5.27
N ALA A 294 2.88 -13.07 -5.15
CA ALA A 294 3.03 -11.64 -4.86
C ALA A 294 2.73 -10.88 -6.15
N ARG A 295 2.34 -9.61 -6.03
CA ARG A 295 1.98 -8.80 -7.19
C ARG A 295 2.69 -7.47 -7.25
N ARG A 296 2.72 -6.90 -8.46
CA ARG A 296 3.32 -5.59 -8.69
C ARG A 296 2.39 -4.76 -9.58
N LEU A 297 2.32 -3.47 -9.29
CA LEU A 297 1.53 -2.55 -10.08
C LEU A 297 2.57 -1.64 -10.72
N TYR A 298 2.39 -1.36 -12.01
CA TYR A 298 3.32 -0.52 -12.75
C TYR A 298 2.63 0.74 -13.25
N PRO A 299 3.33 1.88 -13.17
CA PRO A 299 2.76 3.16 -13.63
C PRO A 299 2.44 3.21 -15.12
N ASP A 300 3.03 2.33 -15.91
CA ASP A 300 2.77 2.34 -17.35
C ASP A 300 1.51 1.58 -17.74
N VAL A 301 0.95 0.80 -16.82
CA VAL A 301 -0.27 0.06 -17.13
C VAL A 301 -1.38 0.24 -16.10
N HIS A 302 -1.03 0.49 -14.84
CA HIS A 302 -2.05 0.61 -13.81
C HIS A 302 -2.36 2.03 -13.33
N GLU A 303 -1.67 3.02 -13.91
CA GLU A 303 -1.90 4.41 -13.52
C GLU A 303 -1.74 4.63 -12.02
N THR A 304 -0.73 3.98 -11.43
CA THR A 304 -0.45 4.11 -10.01
C THR A 304 1.07 4.27 -9.92
N SER A 305 1.58 4.41 -8.71
CA SER A 305 3.02 4.52 -8.52
C SER A 305 3.51 3.08 -8.62
N GLY A 306 4.83 2.88 -8.64
CA GLY A 306 5.35 1.51 -8.67
C GLY A 306 4.87 0.93 -7.35
N PHE A 307 4.32 -0.28 -7.38
CA PHE A 307 3.76 -0.88 -6.17
C PHE A 307 4.07 -2.39 -6.09
N PHE A 308 4.19 -2.90 -4.87
CA PHE A 308 4.47 -4.33 -4.64
C PHE A 308 3.64 -4.76 -3.45
N ILE A 309 3.04 -5.94 -3.54
CA ILE A 309 2.24 -6.43 -2.43
C ILE A 309 2.29 -7.95 -2.34
N ALA A 310 2.37 -8.45 -1.11
CA ALA A 310 2.41 -9.89 -0.87
C ALA A 310 1.53 -10.23 0.32
N LYS A 311 0.82 -11.35 0.22
CA LYS A 311 -0.07 -11.78 1.29
C LYS A 311 0.55 -13.02 1.94
N ILE A 312 0.92 -12.88 3.20
CA ILE A 312 1.58 -13.94 3.95
C ILE A 312 0.73 -14.60 5.03
N ARG A 313 0.72 -15.94 5.05
CA ARG A 313 -0.01 -16.68 6.08
C ARG A 313 1.03 -17.37 6.97
N LYS A 314 0.87 -17.23 8.28
CA LYS A 314 1.80 -17.86 9.23
C LYS A 314 1.35 -19.29 9.48
N LEU A 315 2.29 -20.22 9.34
CA LEU A 315 2.01 -21.65 9.51
C LEU A 315 1.97 -22.10 10.96
#